data_4IJ4
#
_entry.id   4IJ4
#
_cell.length_a   74.546
_cell.length_b   58.400
_cell.length_c   48.066
_cell.angle_alpha   90.00
_cell.angle_beta   115.62
_cell.angle_gamma   90.00
#
_symmetry.space_group_name_H-M   'C 1 2 1'
#
loop_
_entity.id
_entity.type
_entity.pdbx_description
1 polymer 'Chitinase A'
2 branched 2-acetamido-2-deoxy-beta-D-glucopyranose-(1-4)-2-acetamido-2-deoxy-beta-D-glucopyranose-(1-4)-2-acetamido-2-deoxy-beta-D-glucopyranose-(1-4)-2-acetamido-2-deoxy-beta-D-glucopyranose
3 non-polymer 1,2-ETHANEDIOL
4 water water
#
_entity_poly.entity_id   1
_entity_poly.type   'polypeptide(L)'
_entity_poly.pdbx_seq_one_letter_code
;(MSE)SWTSFVTPAVFEGWFPNRNPFYTYDGLVSASNGYPEFGTTGSLDDQKRELAAFLGNINQASGGLQFIQEQNPQSD
YCDTSSTQYPCAAGKQYYGRGPIQLSWNYNYGEAGADLGLDLLNNPDLVAQDSTVAWRTALWFW(MSE)KRDCHGAITAS
PPSFSGTIRIINGGLECNQPAGSIGN(MSE)Q(MSE)ENRVTYYTQFCQTLGVDPGTDLRC
;
_entity_poly.pdbx_strand_id   A
#
# COMPACT_ATOMS: atom_id res chain seq x y z
N SER A 2 12.41 -16.31 3.58
CA SER A 2 11.43 -15.28 4.03
C SER A 2 11.95 -13.89 3.73
N TRP A 3 11.04 -12.98 3.40
CA TRP A 3 11.47 -11.63 3.11
C TRP A 3 12.06 -10.90 4.32
N THR A 4 11.77 -11.39 5.54
CA THR A 4 12.31 -10.76 6.73
C THR A 4 13.82 -10.94 6.82
N SER A 5 14.36 -11.85 6.01
CA SER A 5 15.81 -12.07 5.96
C SER A 5 16.54 -10.84 5.47
N PHE A 6 15.91 -10.07 4.57
CA PHE A 6 16.52 -8.85 4.05
C PHE A 6 15.85 -7.57 4.56
N VAL A 7 14.53 -7.57 4.79
CA VAL A 7 13.95 -6.38 5.42
C VAL A 7 13.88 -6.74 6.91
N THR A 8 14.96 -6.41 7.62
CA THR A 8 15.09 -6.65 9.06
C THR A 8 14.48 -5.49 9.82
N PRO A 9 14.34 -5.61 11.15
CA PRO A 9 13.79 -4.49 11.92
C PRO A 9 14.64 -3.24 11.66
N ALA A 10 15.96 -3.41 11.58
CA ALA A 10 16.84 -2.25 11.35
C ALA A 10 16.62 -1.58 10.00
N VAL A 11 16.37 -2.36 8.96
CA VAL A 11 16.11 -1.79 7.65
C VAL A 11 14.80 -1.01 7.69
N PHE A 12 13.78 -1.62 8.28
CA PHE A 12 12.47 -0.99 8.40
C PHE A 12 12.53 0.31 9.20
N GLU A 13 13.21 0.29 10.34
CA GLU A 13 13.29 1.49 11.18
C GLU A 13 14.08 2.59 10.47
N GLY A 14 15.09 2.20 9.70
CA GLY A 14 15.86 3.19 8.96
C GLY A 14 15.03 3.87 7.89
N TRP A 15 14.11 3.12 7.29
CA TRP A 15 13.25 3.67 6.24
C TRP A 15 12.11 4.52 6.80
N PHE A 16 11.63 4.19 7.99
CA PHE A 16 10.50 4.91 8.60
C PHE A 16 10.84 5.35 10.02
N PRO A 17 11.87 6.18 10.16
CA PRO A 17 12.27 6.62 11.50
C PRO A 17 11.30 7.44 12.33
N ASN A 18 10.36 8.09 11.67
CA ASN A 18 9.39 8.92 12.38
C ASN A 18 7.99 8.38 12.30
N ARG A 19 7.87 7.07 12.10
CA ARG A 19 6.57 6.45 11.99
C ARG A 19 5.71 6.64 13.26
N ASN A 20 4.41 6.78 13.04
CA ASN A 20 3.46 6.85 14.13
C ASN A 20 3.61 5.47 14.80
N PRO A 21 3.67 5.43 16.14
CA PRO A 21 3.82 4.15 16.84
C PRO A 21 2.78 3.08 16.57
N PHE A 22 1.67 3.48 15.94
CA PHE A 22 0.59 2.56 15.55
C PHE A 22 1.15 1.52 14.57
N TYR A 23 2.09 1.94 13.74
CA TYR A 23 2.69 1.07 12.74
C TYR A 23 3.99 0.43 13.21
N THR A 24 4.01 -0.88 13.32
CA THR A 24 5.22 -1.57 13.75
C THR A 24 5.65 -2.62 12.73
N TYR A 25 6.93 -2.96 12.79
CA TYR A 25 7.53 -3.99 11.94
C TYR A 25 6.85 -5.32 12.23
N ASP A 26 6.70 -5.65 13.50
CA ASP A 26 6.07 -6.92 13.84
C ASP A 26 4.65 -6.98 13.32
N GLY A 27 3.97 -5.83 13.26
CA GLY A 27 2.62 -5.80 12.75
C GLY A 27 2.59 -6.17 11.28
N LEU A 28 3.54 -5.63 10.53
CA LEU A 28 3.63 -5.94 9.12
C LEU A 28 3.98 -7.42 8.95
N VAL A 29 4.94 -7.92 9.74
CA VAL A 29 5.31 -9.33 9.58
C VAL A 29 4.15 -10.26 9.85
N SER A 30 3.47 -10.03 10.96
CA SER A 30 2.32 -10.84 11.34
C SER A 30 1.24 -10.83 10.28
N ALA A 31 0.90 -9.66 9.77
CA ALA A 31 -0.14 -9.58 8.76
C ALA A 31 0.29 -10.28 7.48
N SER A 32 1.57 -10.19 7.17
CA SER A 32 2.07 -10.80 5.93
C SER A 32 2.03 -12.33 5.97
N ASN A 33 1.93 -12.91 7.17
CA ASN A 33 1.87 -14.36 7.30
C ASN A 33 0.59 -14.87 6.63
N GLY A 34 -0.40 -13.99 6.53
CA GLY A 34 -1.66 -14.34 5.90
C GLY A 34 -1.64 -14.25 4.38
N TYR A 35 -0.53 -13.78 3.82
CA TYR A 35 -0.33 -13.68 2.37
C TYR A 35 1.04 -14.30 2.13
N PRO A 36 1.14 -15.62 2.26
CA PRO A 36 2.42 -16.28 2.08
C PRO A 36 3.19 -16.00 0.78
N GLU A 37 2.46 -15.66 -0.28
CA GLU A 37 3.12 -15.38 -1.56
C GLU A 37 3.78 -14.00 -1.58
N PHE A 38 3.34 -13.12 -0.68
CA PHE A 38 3.94 -11.78 -0.64
C PHE A 38 5.40 -11.86 -0.23
N GLY A 39 6.27 -11.29 -1.04
CA GLY A 39 7.69 -11.32 -0.72
C GLY A 39 8.38 -12.67 -0.79
N THR A 40 7.72 -13.65 -1.39
CA THR A 40 8.30 -14.98 -1.53
C THR A 40 8.11 -15.52 -2.94
N THR A 41 7.66 -14.64 -3.84
CA THR A 41 7.40 -14.98 -5.23
C THR A 41 8.52 -14.57 -6.18
N GLY A 42 8.91 -15.47 -7.07
CA GLY A 42 9.99 -15.19 -8.01
C GLY A 42 11.38 -15.40 -7.43
N SER A 43 12.37 -14.77 -8.02
CA SER A 43 13.76 -14.87 -7.53
C SER A 43 13.93 -14.02 -6.29
N LEU A 44 15.10 -14.11 -5.65
CA LEU A 44 15.35 -13.28 -4.48
C LEU A 44 15.23 -11.82 -4.87
N ASP A 45 15.67 -11.46 -6.08
CA ASP A 45 15.58 -10.08 -6.49
C ASP A 45 14.13 -9.64 -6.70
N ASP A 46 13.26 -10.56 -7.12
CA ASP A 46 11.84 -10.24 -7.26
C ASP A 46 11.24 -10.01 -5.87
N GLN A 47 11.72 -10.80 -4.90
CA GLN A 47 11.23 -10.67 -3.53
C GLN A 47 11.62 -9.30 -2.99
N LYS A 48 12.88 -8.91 -3.23
CA LYS A 48 13.38 -7.61 -2.77
C LYS A 48 12.63 -6.47 -3.45
N ARG A 49 12.45 -6.58 -4.77
CA ARG A 49 11.70 -5.53 -5.46
C ARG A 49 10.28 -5.42 -4.94
N GLU A 50 9.64 -6.56 -4.63
CA GLU A 50 8.27 -6.48 -4.12
C GLU A 50 8.20 -5.74 -2.78
N LEU A 51 9.11 -6.04 -1.85
CA LEU A 51 9.10 -5.33 -0.58
C LEU A 51 9.40 -3.85 -0.78
N ALA A 52 10.38 -3.53 -1.64
CA ALA A 52 10.69 -2.13 -1.89
C ALA A 52 9.53 -1.38 -2.53
N ALA A 53 8.80 -2.05 -3.43
CA ALA A 53 7.68 -1.44 -4.12
C ALA A 53 6.51 -1.21 -3.17
N PHE A 54 6.23 -2.22 -2.35
CA PHE A 54 5.14 -2.12 -1.39
C PHE A 54 5.41 -1.01 -0.39
N LEU A 55 6.59 -1.03 0.20
CA LEU A 55 6.92 -0.02 1.20
C LEU A 55 7.20 1.35 0.61
N GLY A 56 7.67 1.40 -0.63
CA GLY A 56 7.90 2.69 -1.27
C GLY A 56 6.56 3.37 -1.52
N ASN A 57 5.58 2.60 -2.00
CA ASN A 57 4.26 3.17 -2.23
C ASN A 57 3.64 3.63 -0.90
N ILE A 58 3.85 2.82 0.14
CA ILE A 58 3.34 3.17 1.47
C ILE A 58 4.04 4.43 1.99
N ASN A 59 5.33 4.59 1.70
CA ASN A 59 6.05 5.77 2.16
C ASN A 59 5.36 7.02 1.60
N GLN A 60 4.96 6.96 0.33
CA GLN A 60 4.29 8.10 -0.29
C GLN A 60 2.88 8.32 0.28
N ALA A 61 2.10 7.25 0.34
CA ALA A 61 0.72 7.37 0.81
C ALA A 61 0.55 7.86 2.25
N SER A 62 1.37 7.32 3.16
CA SER A 62 1.25 7.63 4.58
C SER A 62 2.24 8.66 5.11
N GLY A 63 3.05 9.25 4.24
CA GLY A 63 4.02 10.22 4.71
C GLY A 63 5.03 9.57 5.64
N GLY A 64 5.67 8.49 5.19
CA GLY A 64 6.64 7.80 6.02
C GLY A 64 6.03 7.17 7.24
N LEU A 65 4.80 6.68 7.08
CA LEU A 65 4.02 6.07 8.15
C LEU A 65 3.76 7.05 9.31
N GLN A 66 3.83 8.35 9.02
CA GLN A 66 3.54 9.33 10.07
C GLN A 66 2.04 9.52 10.24
N PHE A 67 1.29 9.23 9.19
CA PHE A 67 -0.17 9.41 9.24
C PHE A 67 -0.96 8.13 9.14
N ILE A 68 -2.02 8.04 9.94
CA ILE A 68 -2.89 6.88 9.92
C ILE A 68 -4.09 7.20 9.04
N GLN A 69 -4.60 8.42 9.19
CA GLN A 69 -5.77 8.90 8.44
C GLN A 69 -5.38 9.97 7.43
N GLU A 70 -6.13 10.03 6.34
CA GLU A 70 -5.91 11.02 5.31
C GLU A 70 -6.02 12.38 5.99
N GLN A 71 -5.12 13.29 5.67
CA GLN A 71 -5.16 14.60 6.28
C GLN A 71 -6.08 15.53 5.49
N ASN A 72 -6.96 16.21 6.22
CA ASN A 72 -7.90 17.15 5.60
C ASN A 72 -8.60 16.59 4.35
N PRO A 73 -9.32 15.45 4.50
CA PRO A 73 -10.03 14.83 3.37
C PRO A 73 -11.09 15.75 2.76
N SER A 75 -14.21 15.03 1.48
CA SER A 75 -15.27 14.15 0.98
C SER A 75 -15.40 12.92 1.87
N ASP A 76 -16.57 12.28 1.85
CA ASP A 76 -16.74 11.07 2.66
C ASP A 76 -16.41 9.82 1.84
N TYR A 77 -16.01 10.02 0.59
CA TYR A 77 -15.65 8.93 -0.30
C TYR A 77 -16.73 7.85 -0.43
N CYS A 78 -17.99 8.26 -0.46
CA CYS A 78 -19.07 7.31 -0.66
C CYS A 78 -19.47 7.46 -2.12
N ASP A 79 -19.20 6.43 -2.91
CA ASP A 79 -19.55 6.45 -4.35
C ASP A 79 -20.92 5.79 -4.47
N THR A 80 -21.97 6.60 -4.65
CA THR A 80 -23.32 6.04 -4.74
C THR A 80 -23.62 5.27 -6.01
N SER A 81 -22.67 5.26 -6.96
CA SER A 81 -22.88 4.51 -8.18
C SER A 81 -22.35 3.09 -8.00
N SER A 82 -21.63 2.88 -6.90
CA SER A 82 -21.04 1.58 -6.58
C SER A 82 -21.96 0.93 -5.55
N THR A 83 -22.95 0.17 -6.04
CA THR A 83 -23.98 -0.43 -5.19
C THR A 83 -23.74 -1.77 -4.51
N GLN A 84 -22.72 -2.50 -4.93
CA GLN A 84 -22.43 -3.79 -4.31
C GLN A 84 -22.03 -3.64 -2.83
N TYR A 85 -21.35 -2.55 -2.50
CA TYR A 85 -20.91 -2.32 -1.12
C TYR A 85 -21.51 -0.99 -0.65
N PRO A 86 -22.71 -1.08 -0.07
CA PRO A 86 -23.46 0.08 0.42
C PRO A 86 -22.78 0.88 1.53
N CYS A 87 -22.79 2.21 1.38
CA CYS A 87 -22.20 3.07 2.41
C CYS A 87 -23.10 3.06 3.63
N ALA A 88 -22.49 3.17 4.80
CA ALA A 88 -23.23 3.23 6.06
C ALA A 88 -23.41 4.71 6.40
N ALA A 89 -24.61 5.08 6.84
CA ALA A 89 -24.89 6.48 7.15
C ALA A 89 -23.93 7.10 8.15
N GLY A 90 -23.38 8.25 7.77
CA GLY A 90 -22.44 8.98 8.62
C GLY A 90 -21.01 8.52 8.54
N LYS A 91 -20.77 7.33 8.00
CA LYS A 91 -19.41 6.85 7.92
C LYS A 91 -18.65 7.44 6.74
N GLN A 92 -17.34 7.52 6.88
CA GLN A 92 -16.51 8.09 5.84
C GLN A 92 -15.45 7.10 5.42
N TYR A 93 -15.18 7.08 4.13
CA TYR A 93 -14.22 6.14 3.56
C TYR A 93 -12.96 6.81 3.04
N TYR A 94 -12.53 7.85 3.75
CA TYR A 94 -11.31 8.55 3.37
C TYR A 94 -10.12 7.62 3.63
N GLY A 95 -8.94 8.03 3.17
CA GLY A 95 -7.78 7.17 3.31
C GLY A 95 -7.41 6.74 4.73
N ARG A 96 -7.18 5.45 4.93
CA ARG A 96 -6.75 4.96 6.24
C ARG A 96 -5.70 3.87 6.11
N GLY A 97 -4.76 3.83 7.05
CA GLY A 97 -3.76 2.77 6.99
C GLY A 97 -2.57 3.06 6.08
N PRO A 98 -1.62 2.11 6.02
CA PRO A 98 -0.42 2.27 5.20
C PRO A 98 -0.63 2.65 3.74
N ILE A 99 -1.64 2.05 3.11
CA ILE A 99 -1.87 2.31 1.69
C ILE A 99 -2.98 3.32 1.47
N GLN A 100 -3.47 3.93 2.56
CA GLN A 100 -4.52 4.92 2.44
C GLN A 100 -5.73 4.38 1.70
N LEU A 101 -6.20 3.21 2.16
CA LEU A 101 -7.37 2.57 1.60
C LEU A 101 -8.52 3.59 1.59
N SER A 102 -9.16 3.75 0.42
CA SER A 102 -10.22 4.73 0.21
C SER A 102 -11.42 4.14 -0.55
N TRP A 103 -12.58 4.74 -0.32
CA TRP A 103 -13.85 4.40 -1.01
C TRP A 103 -14.59 3.21 -0.52
N ASN A 104 -15.93 3.33 -0.49
CA ASN A 104 -16.75 2.23 -0.02
C ASN A 104 -16.49 0.94 -0.79
N TYR A 105 -16.18 1.03 -2.09
CA TYR A 105 -15.93 -0.20 -2.81
C TYR A 105 -14.68 -0.97 -2.35
N ASN A 106 -13.65 -0.25 -1.88
CA ASN A 106 -12.45 -0.92 -1.40
C ASN A 106 -12.65 -1.41 0.05
N TYR A 107 -13.29 -0.58 0.88
CA TYR A 107 -13.55 -1.02 2.25
C TYR A 107 -14.49 -2.22 2.22
N GLY A 108 -15.47 -2.18 1.32
CA GLY A 108 -16.41 -3.28 1.23
C GLY A 108 -15.78 -4.58 0.72
N GLU A 109 -15.02 -4.51 -0.36
CA GLU A 109 -14.40 -5.73 -0.87
C GLU A 109 -13.36 -6.29 0.10
N ALA A 110 -12.58 -5.40 0.72
CA ALA A 110 -11.61 -5.82 1.71
C ALA A 110 -12.32 -6.48 2.90
N GLY A 111 -13.40 -5.87 3.34
CA GLY A 111 -14.13 -6.41 4.48
C GLY A 111 -14.66 -7.80 4.19
N ALA A 112 -15.16 -7.97 2.97
CA ALA A 112 -15.68 -9.28 2.57
C ALA A 112 -14.56 -10.33 2.54
N ASP A 113 -13.44 -9.99 1.93
CA ASP A 113 -12.33 -10.94 1.83
C ASP A 113 -11.66 -11.23 3.17
N LEU A 114 -11.61 -10.23 4.04
CA LEU A 114 -10.94 -10.36 5.34
C LEU A 114 -11.85 -10.81 6.47
N GLY A 115 -13.15 -10.86 6.20
CA GLY A 115 -14.10 -11.26 7.24
C GLY A 115 -14.16 -10.19 8.31
N LEU A 116 -14.18 -8.93 7.90
CA LEU A 116 -14.21 -7.81 8.82
C LEU A 116 -15.30 -6.82 8.46
N ASP A 117 -15.80 -6.14 9.49
CA ASP A 117 -16.87 -5.18 9.39
C ASP A 117 -16.43 -3.82 8.87
N LEU A 118 -15.61 -3.79 7.83
CA LEU A 118 -15.07 -2.53 7.31
C LEU A 118 -16.03 -1.60 6.60
N LEU A 119 -17.07 -2.16 6.00
CA LEU A 119 -18.02 -1.32 5.31
C LEU A 119 -18.80 -0.52 6.33
N ASN A 120 -19.29 -1.17 7.39
CA ASN A 120 -20.04 -0.46 8.41
C ASN A 120 -19.18 0.21 9.49
N ASN A 121 -17.93 -0.22 9.63
CA ASN A 121 -17.01 0.39 10.59
C ASN A 121 -15.66 0.63 9.91
N PRO A 122 -15.60 1.58 8.96
CA PRO A 122 -14.34 1.85 8.26
C PRO A 122 -13.22 2.32 9.18
N ASP A 123 -13.62 2.96 10.28
CA ASP A 123 -12.63 3.44 11.24
C ASP A 123 -11.75 2.35 11.83
N LEU A 124 -12.18 1.08 11.72
CA LEU A 124 -11.37 -0.03 12.21
C LEU A 124 -9.99 0.00 11.57
N VAL A 125 -9.91 0.47 10.32
CA VAL A 125 -8.64 0.50 9.61
C VAL A 125 -7.66 1.49 10.24
N ALA A 126 -8.18 2.51 10.93
CA ALA A 126 -7.31 3.50 11.57
C ALA A 126 -7.18 3.24 13.07
N GLN A 127 -7.93 2.26 13.58
CA GLN A 127 -7.92 1.99 15.02
C GLN A 127 -7.34 0.65 15.48
N ASP A 128 -7.14 -0.24 14.52
CA ASP A 128 -6.63 -1.58 14.79
C ASP A 128 -5.49 -1.76 13.80
N SER A 129 -4.25 -1.77 14.30
CA SER A 129 -3.11 -1.87 13.42
C SER A 129 -3.02 -3.20 12.68
N THR A 130 -3.58 -4.27 13.25
CA THR A 130 -3.58 -5.56 12.55
C THR A 130 -4.48 -5.43 11.32
N VAL A 131 -5.62 -4.77 11.50
CA VAL A 131 -6.53 -4.54 10.38
C VAL A 131 -5.85 -3.60 9.38
N ALA A 132 -5.16 -2.56 9.87
CA ALA A 132 -4.51 -1.62 8.95
C ALA A 132 -3.52 -2.33 8.01
N TRP A 133 -2.60 -3.11 8.57
CA TRP A 133 -1.64 -3.81 7.70
C TRP A 133 -2.35 -4.81 6.78
N ARG A 134 -3.36 -5.52 7.30
CA ARG A 134 -4.08 -6.46 6.43
C ARG A 134 -4.74 -5.76 5.25
N THR A 135 -5.26 -4.55 5.44
CA THR A 135 -5.89 -3.89 4.30
C THR A 135 -4.87 -3.50 3.24
N ALA A 136 -3.66 -3.13 3.65
CA ALA A 136 -2.60 -2.76 2.71
C ALA A 136 -2.17 -3.98 1.91
N LEU A 137 -1.98 -5.10 2.60
CA LEU A 137 -1.60 -6.32 1.93
C LEU A 137 -2.74 -6.84 1.08
N TRP A 138 -3.98 -6.73 1.59
CA TRP A 138 -5.13 -7.17 0.82
C TRP A 138 -5.21 -6.41 -0.51
N PHE A 139 -5.02 -5.09 -0.48
CA PHE A 139 -5.13 -4.34 -1.73
C PHE A 139 -4.02 -4.76 -2.69
N TRP A 140 -2.81 -4.86 -2.15
CA TRP A 140 -1.64 -5.24 -2.95
C TRP A 140 -1.83 -6.57 -3.65
N LYS A 142 -4.97 -8.60 -3.79
CA LYS A 142 -6.22 -8.74 -4.52
C LYS A 142 -6.29 -7.90 -5.80
N ARG A 143 -5.82 -6.66 -5.71
CA ARG A 143 -5.83 -5.78 -6.89
C ARG A 143 -4.68 -6.05 -7.84
N ASP A 144 -3.80 -6.97 -7.45
CA ASP A 144 -2.68 -7.45 -8.24
C ASP A 144 -1.47 -6.57 -8.51
N CYS A 145 -1.16 -5.74 -7.52
CA CYS A 145 0.08 -4.98 -7.58
C CYS A 145 1.17 -6.06 -7.50
N HIS A 146 0.86 -7.13 -6.78
CA HIS A 146 1.77 -8.27 -6.61
C HIS A 146 2.22 -8.82 -7.96
N GLY A 147 1.26 -9.10 -8.85
CA GLY A 147 1.61 -9.65 -10.14
C GLY A 147 2.40 -8.67 -11.00
N ALA A 148 2.09 -7.40 -10.88
CA ALA A 148 2.77 -6.39 -11.65
C ALA A 148 4.26 -6.32 -11.32
N ILE A 149 4.57 -6.22 -10.03
CA ILE A 149 5.96 -6.08 -9.63
C ILE A 149 6.78 -7.35 -9.68
N THR A 150 6.17 -8.51 -9.43
CA THR A 150 6.95 -9.75 -9.43
C THR A 150 7.08 -10.41 -10.80
N ALA A 151 6.47 -9.84 -11.82
CA ALA A 151 6.57 -10.41 -13.17
C ALA A 151 7.98 -10.23 -13.73
N SER A 152 8.24 -10.92 -14.83
CA SER A 152 9.52 -10.82 -15.55
C SER A 152 9.15 -10.29 -16.94
N PRO A 153 9.46 -9.01 -17.23
CA PRO A 153 10.13 -7.99 -16.40
C PRO A 153 9.24 -7.37 -15.34
N PRO A 154 9.86 -6.82 -14.29
CA PRO A 154 9.05 -6.20 -13.24
C PRO A 154 8.42 -4.90 -13.67
N SER A 155 7.25 -4.58 -13.10
CA SER A 155 6.61 -3.32 -13.43
C SER A 155 6.22 -2.52 -12.19
N PHE A 156 7.07 -1.59 -11.79
CA PHE A 156 6.70 -0.75 -10.68
C PHE A 156 5.58 0.20 -11.14
N SER A 157 5.65 0.64 -12.40
CA SER A 157 4.61 1.56 -12.89
C SER A 157 3.21 0.95 -12.76
N GLY A 158 3.10 -0.36 -12.96
CA GLY A 158 1.83 -1.05 -12.85
C GLY A 158 1.24 -0.90 -11.47
N THR A 159 2.10 -0.92 -10.44
CA THR A 159 1.60 -0.78 -9.09
C THR A 159 1.02 0.61 -8.89
N ILE A 160 1.63 1.63 -9.50
CA ILE A 160 1.11 2.99 -9.33
C ILE A 160 -0.25 3.11 -10.03
N ARG A 161 -0.34 2.55 -11.23
CA ARG A 161 -1.60 2.59 -11.96
C ARG A 161 -2.74 1.98 -11.14
N ILE A 162 -2.48 0.82 -10.56
CA ILE A 162 -3.50 0.14 -9.78
C ILE A 162 -3.87 0.91 -8.50
N ILE A 163 -2.87 1.45 -7.82
CA ILE A 163 -3.12 2.15 -6.58
C ILE A 163 -3.81 3.51 -6.72
N ASN A 164 -3.39 4.33 -7.69
CA ASN A 164 -3.97 5.66 -7.83
C ASN A 164 -3.71 6.21 -9.22
N GLY A 165 -3.80 5.35 -10.24
CA GLY A 165 -3.50 5.78 -11.60
C GLY A 165 -4.31 6.92 -12.20
N GLY A 166 -5.58 6.99 -11.87
CA GLY A 166 -6.42 8.03 -12.43
C GLY A 166 -5.92 9.42 -12.07
N LEU A 167 -5.40 9.57 -10.86
CA LEU A 167 -4.93 10.87 -10.41
C LEU A 167 -3.44 11.11 -10.54
N GLU A 168 -2.66 10.03 -10.61
CA GLU A 168 -1.21 10.18 -10.66
C GLU A 168 -0.51 9.81 -11.97
N CYS A 169 -1.18 9.02 -12.81
CA CYS A 169 -0.58 8.63 -14.07
C CYS A 169 -1.11 9.50 -15.19
N ASN A 170 -0.36 9.56 -16.28
CA ASN A 170 -0.78 10.38 -17.42
C ASN A 170 -1.06 11.81 -17.02
N GLN A 171 -0.24 12.32 -16.10
CA GLN A 171 -0.37 13.70 -15.63
C GLN A 171 0.75 14.54 -16.22
N PRO A 172 0.46 15.83 -16.48
CA PRO A 172 1.49 16.70 -17.06
C PRO A 172 2.71 16.75 -16.15
N ALA A 173 3.89 16.74 -16.76
CA ALA A 173 5.14 16.77 -16.01
C ALA A 173 5.11 17.94 -15.02
N GLY A 174 5.38 17.65 -13.75
CA GLY A 174 5.40 18.72 -12.75
C GLY A 174 4.10 19.00 -12.05
N SER A 175 2.99 18.45 -12.55
CA SER A 175 1.69 18.64 -11.90
C SER A 175 1.71 17.93 -10.56
N ILE A 176 0.77 18.27 -9.68
CA ILE A 176 0.75 17.64 -8.36
C ILE A 176 0.69 16.11 -8.45
N GLY A 177 -0.17 15.59 -9.33
CA GLY A 177 -0.30 14.14 -9.47
C GLY A 177 0.98 13.51 -9.98
N ASN A 178 1.60 14.16 -10.95
CA ASN A 178 2.85 13.68 -11.52
C ASN A 178 3.96 13.71 -10.47
N GLN A 180 3.56 13.36 -7.20
CA GLN A 180 3.28 12.27 -6.26
C GLN A 180 3.80 10.96 -6.88
N GLU A 182 6.15 10.59 -9.15
CA GLU A 182 7.61 10.57 -9.15
C GLU A 182 8.17 10.30 -7.76
N ASN A 183 7.49 10.79 -6.72
CA ASN A 183 7.96 10.52 -5.36
C ASN A 183 7.88 9.01 -5.08
N ARG A 184 6.83 8.36 -5.56
CA ARG A 184 6.73 6.90 -5.35
C ARG A 184 7.95 6.22 -6.01
N VAL A 185 8.28 6.65 -7.22
CA VAL A 185 9.43 6.08 -7.94
C VAL A 185 10.73 6.35 -7.16
N THR A 186 10.89 7.56 -6.65
CA THR A 186 12.08 7.90 -5.88
C THR A 186 12.21 6.99 -4.65
N TYR A 187 11.12 6.81 -3.91
CA TYR A 187 11.19 5.96 -2.72
C TYR A 187 11.49 4.51 -3.07
N TYR A 188 10.80 3.99 -4.08
CA TYR A 188 11.06 2.62 -4.53
C TYR A 188 12.54 2.46 -4.88
N THR A 189 13.10 3.39 -5.65
CA THR A 189 14.50 3.22 -6.04
C THR A 189 15.44 3.37 -4.85
N GLN A 190 15.08 4.20 -3.88
CA GLN A 190 15.93 4.35 -2.68
C GLN A 190 15.89 3.07 -1.85
N PHE A 191 14.71 2.47 -1.73
CA PHE A 191 14.60 1.25 -0.96
C PHE A 191 15.31 0.11 -1.70
N CYS A 192 15.26 0.10 -3.03
CA CYS A 192 15.96 -0.93 -3.81
C CYS A 192 17.46 -0.75 -3.59
N GLN A 193 17.94 0.49 -3.50
CA GLN A 193 19.36 0.73 -3.25
C GLN A 193 19.75 0.14 -1.88
N THR A 194 18.91 0.35 -0.87
CA THR A 194 19.19 -0.21 0.46
C THR A 194 19.31 -1.74 0.37
N LEU A 195 18.43 -2.36 -0.41
CA LEU A 195 18.44 -3.81 -0.52
C LEU A 195 19.43 -4.40 -1.51
N GLY A 196 20.10 -3.52 -2.23
CA GLY A 196 21.10 -3.95 -3.20
C GLY A 196 20.51 -4.60 -4.43
N VAL A 197 19.33 -4.13 -4.85
CA VAL A 197 18.68 -4.73 -6.01
C VAL A 197 18.38 -3.71 -7.09
N ASP A 198 18.39 -4.17 -8.34
CA ASP A 198 18.08 -3.31 -9.47
C ASP A 198 16.55 -3.14 -9.50
N PRO A 199 16.06 -1.91 -9.54
CA PRO A 199 14.61 -1.67 -9.54
C PRO A 199 13.87 -2.04 -10.83
N GLY A 200 14.62 -2.25 -11.90
CA GLY A 200 13.96 -2.51 -13.18
C GLY A 200 13.80 -1.18 -13.91
N THR A 201 13.43 -1.24 -15.19
CA THR A 201 13.30 -0.03 -15.98
C THR A 201 11.88 0.52 -16.13
N ASP A 202 10.87 -0.30 -15.87
CA ASP A 202 9.47 0.15 -16.04
C ASP A 202 8.99 0.80 -14.77
N LEU A 203 9.35 2.08 -14.61
CA LEU A 203 9.06 2.77 -13.36
C LEU A 203 7.98 3.85 -13.32
N ARG A 204 7.93 4.68 -14.35
CA ARG A 204 7.00 5.80 -14.38
C ARG A 204 5.76 5.59 -15.24
N CYS A 205 4.69 6.31 -14.92
CA CYS A 205 3.42 6.23 -15.64
C CYS A 205 2.84 7.63 -15.90
#